data_2ZE0
#
_entry.id   2ZE0
#
_cell.length_a   103.829
_cell.length_b   90.621
_cell.length_c   72.285
_cell.angle_alpha   90.00
_cell.angle_beta   109.40
_cell.angle_gamma   90.00
#
_symmetry.space_group_name_H-M   'C 1 2 1'
#
loop_
_entity.id
_entity.type
_entity.pdbx_description
1 polymer Alpha-glucosidase
2 non-polymer 'CALCIUM ION'
3 water water
#
_entity_poly.entity_id   1
_entity_poly.type   'polypeptide(L)'
_entity_poly.pdbx_seq_one_letter_code
;MKKTWWKEGVAYQIYPRSFMDANGDGIGDLRGIIEKLDYLVELGVDIVWICPIYRSPNADNGYDISDYYAIMDEFGTMDD
FDELLAQAHRRGLKVILDLVINHTSDEHPWFIESRSSRDNPKRDWYIWRDGKDGREPNNWESIFGGSAWQYDERTGQYYL
HIFDVKQPDLNWENSEVRQALYEMVNWWLDKGIDGFRIDAISHIKKKPGLPDLPNPKGLKYVPSFAGHMNQPGIMEYLRE
LKEQTFARYDIMTVGEANGVTVDEAEQWVGEENGVFNMIFQFEHLGLWERRADGSIDVRRLKRTLTKWQKGLENRGWNAL
FLENHDLPRSVSTWGNDRDYWAESAKALGALYFFMQGTPFIYQGQEIGMTNVRFDDIRDYRDVSALRLYELERAKGRTHE
EAMTIIWKTGRDNSRTPMQWSGASNAGFTTGTPWIKVNENYRTINVEAERRDPNSVWSFYRQMIQLRKANELFVYGTYDL
LLENHPSIYAYTRTLGRDRALVVVNLSDRPSLYRYDGFRLQSSDLALSNYPVRPHKNATRFKLKPYEARVYIWKE
;
_entity_poly.pdbx_strand_id   A
#
# COMPACT_ATOMS: atom_id res chain seq x y z
N LYS A 2 -17.88 -11.14 -12.39
CA LYS A 2 -17.30 -10.09 -13.28
C LYS A 2 -15.76 -10.18 -13.31
N LYS A 3 -15.24 -10.68 -14.43
CA LYS A 3 -13.80 -10.84 -14.63
C LYS A 3 -13.15 -9.56 -15.13
N THR A 4 -12.06 -9.14 -14.50
CA THR A 4 -11.35 -7.92 -14.90
C THR A 4 -9.85 -8.06 -14.73
N TRP A 5 -9.09 -7.26 -15.46
CA TRP A 5 -7.63 -7.30 -15.40
C TRP A 5 -7.11 -6.91 -14.02
N TRP A 6 -7.75 -5.96 -13.38
CA TRP A 6 -7.33 -5.52 -12.03
C TRP A 6 -7.51 -6.60 -10.95
N LYS A 7 -8.53 -7.45 -11.11
CA LYS A 7 -8.76 -8.52 -10.14
C LYS A 7 -7.73 -9.63 -10.34
N GLU A 8 -7.36 -9.85 -11.60
CA GLU A 8 -6.38 -10.89 -12.00
C GLU A 8 -4.91 -10.48 -11.92
N GLY A 9 -4.64 -9.19 -11.79
CA GLY A 9 -3.27 -8.71 -11.73
C GLY A 9 -2.56 -8.81 -10.39
N VAL A 10 -1.25 -8.62 -10.44
CA VAL A 10 -0.39 -8.65 -9.29
C VAL A 10 0.23 -7.27 -9.38
N ALA A 11 0.09 -6.49 -8.30
CA ALA A 11 0.63 -5.16 -8.26
C ALA A 11 1.96 -5.09 -7.55
N TYR A 12 2.81 -4.15 -7.97
CA TYR A 12 4.13 -3.95 -7.38
C TYR A 12 4.23 -2.48 -7.00
N GLN A 13 4.57 -2.22 -5.74
CA GLN A 13 4.66 -0.85 -5.26
C GLN A 13 6.08 -0.33 -5.23
N ILE A 14 6.27 0.79 -5.92
CA ILE A 14 7.57 1.44 -6.00
C ILE A 14 7.60 2.76 -5.25
N TYR A 15 8.62 2.88 -4.42
CA TYR A 15 8.96 4.10 -3.74
C TYR A 15 10.14 4.66 -4.52
N PRO A 16 9.82 5.51 -5.50
CA PRO A 16 10.77 6.04 -6.47
C PRO A 16 12.14 6.47 -5.98
N ARG A 17 12.17 7.14 -4.84
CA ARG A 17 13.40 7.64 -4.26
C ARG A 17 14.39 6.55 -3.84
N SER A 18 13.92 5.34 -3.57
CA SER A 18 14.81 4.25 -3.17
C SER A 18 14.75 3.03 -4.07
N PHE A 19 14.17 3.17 -5.26
CA PHE A 19 14.06 2.02 -6.17
C PHE A 19 15.27 1.86 -7.06
N MET A 20 15.52 2.80 -7.97
CA MET A 20 16.68 2.72 -8.85
C MET A 20 17.13 4.12 -9.25
N ASP A 21 18.40 4.43 -8.97
CA ASP A 21 18.97 5.73 -9.31
C ASP A 21 19.68 5.66 -10.64
N ALA A 22 19.05 6.20 -11.66
CA ALA A 22 19.68 6.15 -12.97
C ALA A 22 20.78 7.20 -13.23
N ASN A 23 20.75 8.35 -12.55
CA ASN A 23 21.78 9.36 -12.82
C ASN A 23 22.90 9.59 -11.78
N GLY A 24 23.04 8.69 -10.82
CA GLY A 24 24.08 8.82 -9.83
C GLY A 24 24.00 9.91 -8.78
N ASP A 25 22.87 10.57 -8.62
CA ASP A 25 22.82 11.61 -7.60
C ASP A 25 22.38 11.02 -6.25
N GLY A 26 22.18 9.70 -6.20
CA GLY A 26 21.76 8.99 -4.98
C GLY A 26 20.27 8.91 -4.67
N ILE A 27 19.47 9.44 -5.58
CA ILE A 27 18.01 9.45 -5.44
C ILE A 27 17.40 8.63 -6.57
N GLY A 28 16.55 7.68 -6.25
CA GLY A 28 15.92 6.87 -7.27
C GLY A 28 15.14 7.81 -8.16
N ASP A 29 14.99 7.47 -9.41
CA ASP A 29 14.28 8.33 -10.31
C ASP A 29 13.48 7.56 -11.36
N LEU A 30 12.81 8.30 -12.24
CA LEU A 30 12.01 7.69 -13.28
C LEU A 30 12.82 6.88 -14.26
N ARG A 31 14.00 7.37 -14.66
CA ARG A 31 14.81 6.59 -15.60
C ARG A 31 15.17 5.28 -14.93
N GLY A 32 15.34 5.31 -13.62
CA GLY A 32 15.69 4.11 -12.88
C GLY A 32 14.60 3.09 -13.07
N ILE A 33 13.35 3.52 -12.90
CA ILE A 33 12.21 2.62 -13.04
C ILE A 33 12.17 2.02 -14.44
N ILE A 34 12.42 2.86 -15.45
CA ILE A 34 12.41 2.41 -16.86
C ILE A 34 13.43 1.27 -17.03
N GLU A 35 14.62 1.41 -16.44
CA GLU A 35 15.65 0.39 -16.54
C GLU A 35 15.23 -0.93 -15.94
N LYS A 36 14.26 -0.91 -15.03
CA LYS A 36 13.78 -2.11 -14.37
C LYS A 36 12.42 -2.66 -14.81
N LEU A 37 11.87 -2.19 -15.93
CA LEU A 37 10.57 -2.71 -16.39
C LEU A 37 10.73 -4.19 -16.78
N ASP A 38 11.84 -4.53 -17.43
CA ASP A 38 12.09 -5.94 -17.84
C ASP A 38 12.07 -6.84 -16.60
N TYR A 39 12.66 -6.34 -15.50
CA TYR A 39 12.71 -7.04 -14.22
C TYR A 39 11.31 -7.31 -13.68
N LEU A 40 10.45 -6.30 -13.78
CA LEU A 40 9.08 -6.43 -13.31
C LEU A 40 8.38 -7.49 -14.14
N VAL A 41 8.66 -7.53 -15.43
CA VAL A 41 8.05 -8.52 -16.31
C VAL A 41 8.56 -9.91 -15.95
N GLU A 42 9.86 -10.02 -15.70
CA GLU A 42 10.50 -11.30 -15.34
C GLU A 42 9.88 -11.84 -14.05
N LEU A 43 9.72 -10.95 -13.07
CA LEU A 43 9.12 -11.29 -11.77
C LEU A 43 7.71 -11.83 -11.98
N GLY A 44 6.98 -11.17 -12.88
CA GLY A 44 5.63 -11.53 -13.23
C GLY A 44 4.52 -10.55 -12.90
N VAL A 45 4.84 -9.45 -12.21
CA VAL A 45 3.82 -8.47 -11.85
C VAL A 45 3.30 -7.76 -13.09
N ASP A 46 2.14 -7.11 -13.00
CA ASP A 46 1.62 -6.40 -14.17
C ASP A 46 1.01 -5.04 -13.93
N ILE A 47 0.98 -4.61 -12.66
CA ILE A 47 0.45 -3.31 -12.30
C ILE A 47 1.56 -2.68 -11.47
N VAL A 48 1.98 -1.51 -11.88
CA VAL A 48 3.02 -0.79 -11.19
C VAL A 48 2.50 0.47 -10.51
N TRP A 49 2.59 0.48 -9.19
CA TRP A 49 2.15 1.62 -8.42
C TRP A 49 3.35 2.42 -8.00
N ILE A 50 3.43 3.63 -8.53
CA ILE A 50 4.55 4.49 -8.20
C ILE A 50 4.08 5.53 -7.19
N CYS A 51 4.75 5.57 -6.03
CA CYS A 51 4.43 6.54 -4.97
C CYS A 51 4.61 7.97 -5.51
N PRO A 52 4.07 8.99 -4.81
CA PRO A 52 4.15 10.40 -5.26
C PRO A 52 5.42 10.89 -5.97
N ILE A 53 5.22 11.34 -7.20
CA ILE A 53 6.29 11.85 -8.04
C ILE A 53 5.96 13.27 -8.52
N TYR A 54 4.91 13.86 -7.94
CA TYR A 54 4.48 15.20 -8.31
C TYR A 54 5.35 16.28 -7.66
N ARG A 55 5.38 17.47 -8.26
CA ARG A 55 6.17 18.60 -7.71
C ARG A 55 5.62 18.78 -6.31
N SER A 56 6.53 18.83 -5.34
CA SER A 56 6.22 18.98 -3.94
C SER A 56 7.38 19.57 -3.14
N PRO A 57 7.08 20.45 -2.18
CA PRO A 57 8.17 21.01 -1.37
C PRO A 57 8.73 19.87 -0.50
N ASN A 58 8.08 18.72 -0.63
CA ASN A 58 8.38 17.47 0.08
C ASN A 58 8.38 17.59 1.61
N ALA A 59 7.44 18.34 2.15
CA ALA A 59 7.37 18.48 3.59
C ALA A 59 6.62 17.29 4.20
N ASP A 60 5.93 16.54 3.35
CA ASP A 60 5.17 15.40 3.80
C ASP A 60 5.30 14.15 2.92
N ASN A 61 6.55 13.77 2.68
CA ASN A 61 6.91 12.61 1.90
C ASN A 61 6.23 12.66 0.50
N GLY A 62 6.14 13.88 -0.03
CA GLY A 62 5.53 14.14 -1.33
C GLY A 62 4.02 14.19 -1.44
N TYR A 63 3.34 14.04 -0.30
CA TYR A 63 1.88 14.09 -0.27
C TYR A 63 1.37 15.55 -0.18
N ASP A 64 2.32 16.49 -0.17
CA ASP A 64 2.03 17.92 -0.12
C ASP A 64 2.40 18.40 -1.52
N ILE A 65 1.42 18.33 -2.41
CA ILE A 65 1.65 18.72 -3.81
C ILE A 65 1.52 20.19 -4.19
N SER A 66 2.58 20.73 -4.80
CA SER A 66 2.62 22.14 -5.23
C SER A 66 2.29 22.27 -6.70
N ASP A 67 2.30 21.16 -7.44
CA ASP A 67 1.94 21.21 -8.86
C ASP A 67 1.56 19.78 -9.32
N TYR A 68 0.27 19.57 -9.59
CA TYR A 68 -0.22 18.26 -10.04
C TYR A 68 0.14 17.90 -11.46
N TYR A 69 0.53 18.91 -12.24
CA TYR A 69 0.88 18.67 -13.64
C TYR A 69 2.36 18.63 -13.88
N ALA A 70 3.14 18.50 -12.81
CA ALA A 70 4.57 18.46 -12.94
C ALA A 70 5.24 17.38 -12.08
N ILE A 71 6.36 16.87 -12.56
CA ILE A 71 7.14 15.82 -11.87
C ILE A 71 8.16 16.45 -10.91
N MET A 72 8.38 15.80 -9.77
CA MET A 72 9.33 16.27 -8.77
C MET A 72 10.70 16.26 -9.46
N ASP A 73 11.40 17.40 -9.53
CA ASP A 73 12.72 17.48 -10.18
C ASP A 73 13.66 16.31 -9.95
N GLU A 74 13.83 15.88 -8.69
CA GLU A 74 14.73 14.76 -8.47
C GLU A 74 14.29 13.42 -9.08
N PHE A 75 13.06 13.30 -9.56
CA PHE A 75 12.67 12.02 -10.16
C PHE A 75 12.79 12.04 -11.67
N GLY A 76 12.89 13.23 -12.26
CA GLY A 76 12.99 13.33 -13.71
C GLY A 76 12.07 14.38 -14.31
N THR A 77 11.75 14.20 -15.58
CA THR A 77 10.89 15.12 -16.30
C THR A 77 9.63 14.42 -16.76
N MET A 78 8.68 15.20 -17.26
CA MET A 78 7.42 14.66 -17.75
C MET A 78 7.77 13.75 -18.95
N ASP A 79 8.80 14.11 -19.74
CA ASP A 79 9.23 13.28 -20.89
C ASP A 79 9.62 11.90 -20.35
N ASP A 80 10.35 11.88 -19.23
CA ASP A 80 10.75 10.62 -18.63
C ASP A 80 9.48 9.86 -18.24
N PHE A 81 8.50 10.56 -17.67
CA PHE A 81 7.28 9.88 -17.28
C PHE A 81 6.52 9.34 -18.49
N ASP A 82 6.41 10.13 -19.57
CA ASP A 82 5.71 9.67 -20.79
C ASP A 82 6.40 8.45 -21.36
N GLU A 83 7.73 8.49 -21.34
CA GLU A 83 8.55 7.38 -21.83
C GLU A 83 8.29 6.16 -20.95
N LEU A 84 8.20 6.38 -19.63
CA LEU A 84 7.95 5.30 -18.68
C LEU A 84 6.64 4.59 -19.04
N LEU A 85 5.55 5.35 -19.23
CA LEU A 85 4.25 4.74 -19.61
C LEU A 85 4.33 3.94 -20.89
N ALA A 86 4.97 4.52 -21.89
CA ALA A 86 5.13 3.87 -23.21
C ALA A 86 5.85 2.51 -23.06
N GLN A 87 7.00 2.55 -22.39
CA GLN A 87 7.80 1.36 -22.16
C GLN A 87 7.05 0.37 -21.28
N ALA A 88 6.30 0.88 -20.31
CA ALA A 88 5.54 -0.01 -19.43
C ALA A 88 4.41 -0.64 -20.24
N HIS A 89 3.67 0.16 -21.00
CA HIS A 89 2.58 -0.43 -21.79
C HIS A 89 3.03 -1.41 -22.87
N ARG A 90 4.21 -1.19 -23.46
CA ARG A 90 4.76 -2.06 -24.55
C ARG A 90 4.87 -3.49 -23.96
N ARG A 91 5.30 -3.53 -22.71
CA ARG A 91 5.49 -4.76 -21.96
C ARG A 91 4.24 -5.34 -21.34
N GLY A 92 3.10 -4.71 -21.58
CA GLY A 92 1.85 -5.21 -21.02
C GLY A 92 1.62 -4.84 -19.56
N LEU A 93 2.37 -3.87 -19.05
CA LEU A 93 2.23 -3.43 -17.66
C LEU A 93 1.29 -2.25 -17.55
N LYS A 94 0.62 -2.15 -16.40
CA LYS A 94 -0.30 -1.07 -16.10
C LYS A 94 0.42 -0.20 -15.06
N VAL A 95 0.20 1.11 -15.11
CA VAL A 95 0.83 2.04 -14.18
C VAL A 95 -0.22 2.88 -13.46
N ILE A 96 -0.16 2.90 -12.12
CA ILE A 96 -1.11 3.70 -11.35
C ILE A 96 -0.28 4.63 -10.46
N LEU A 97 -0.83 5.81 -10.16
CA LEU A 97 -0.17 6.81 -9.33
C LEU A 97 -1.06 7.20 -8.18
N ASP A 98 -0.53 7.96 -7.22
CA ASP A 98 -1.36 8.39 -6.12
C ASP A 98 -2.19 9.60 -6.48
N LEU A 99 -3.39 9.64 -5.92
CA LEU A 99 -4.32 10.74 -6.14
C LEU A 99 -4.51 11.33 -4.75
N VAL A 100 -3.91 12.50 -4.52
CA VAL A 100 -3.98 13.15 -3.24
C VAL A 100 -4.78 14.41 -3.46
N ILE A 101 -6.10 14.33 -3.21
CA ILE A 101 -6.97 15.48 -3.44
C ILE A 101 -7.77 16.11 -2.30
N ASN A 102 -7.41 15.78 -1.07
CA ASN A 102 -8.08 16.33 0.09
C ASN A 102 -7.41 17.66 0.38
N HIS A 103 -6.13 17.71 0.01
CA HIS A 103 -5.33 18.89 0.23
C HIS A 103 -4.21 19.05 -0.75
N THR A 104 -3.59 20.23 -0.72
CA THR A 104 -2.46 20.55 -1.58
C THR A 104 -1.44 21.18 -0.65
N SER A 105 -0.27 21.44 -1.20
CA SER A 105 0.79 22.08 -0.45
C SER A 105 0.41 23.57 -0.32
N ASP A 106 0.91 24.22 0.72
CA ASP A 106 0.65 25.65 0.92
C ASP A 106 1.44 26.46 -0.11
N GLU A 107 2.29 25.76 -0.86
CA GLU A 107 3.14 26.36 -1.90
C GLU A 107 2.51 26.09 -3.27
N HIS A 108 1.29 25.52 -3.26
CA HIS A 108 0.63 25.25 -4.52
C HIS A 108 0.17 26.64 -5.02
N PRO A 109 0.31 26.93 -6.33
CA PRO A 109 -0.14 28.26 -6.76
C PRO A 109 -1.58 28.59 -6.36
N TRP A 110 -2.48 27.60 -6.23
CA TRP A 110 -3.86 27.92 -5.84
C TRP A 110 -3.94 28.43 -4.40
N PHE A 111 -3.11 27.87 -3.51
CA PHE A 111 -3.14 28.33 -2.13
C PHE A 111 -2.44 29.68 -2.00
N ILE A 112 -1.37 29.90 -2.78
CA ILE A 112 -0.62 31.16 -2.75
C ILE A 112 -1.57 32.31 -3.12
N GLU A 113 -2.48 32.07 -4.06
CA GLU A 113 -3.41 33.09 -4.46
C GLU A 113 -4.48 33.18 -3.38
N SER A 114 -4.97 32.03 -2.95
CA SER A 114 -5.99 31.98 -1.90
C SER A 114 -5.63 32.75 -0.66
N ARG A 115 -4.40 32.57 -0.17
CA ARG A 115 -3.96 33.23 1.05
C ARG A 115 -3.60 34.72 0.95
N SER A 116 -3.40 35.21 -0.27
CA SER A 116 -3.04 36.62 -0.50
C SER A 116 -3.99 37.69 0.02
N SER A 117 -5.30 37.48 -0.11
CA SER A 117 -6.30 38.46 0.34
C SER A 117 -7.61 37.79 0.62
N ARG A 118 -8.50 38.51 1.33
CA ARG A 118 -9.84 37.97 1.69
C ARG A 118 -10.83 37.90 0.52
N ASP A 119 -10.38 38.34 -0.66
CA ASP A 119 -11.20 38.31 -1.86
C ASP A 119 -10.32 38.29 -3.09
N ASN A 120 -10.19 37.09 -3.62
CA ASN A 120 -9.41 36.83 -4.82
C ASN A 120 -10.20 35.63 -5.31
N PRO A 121 -10.14 35.33 -6.61
CA PRO A 121 -10.88 34.20 -7.16
C PRO A 121 -10.72 32.86 -6.41
N LYS A 122 -9.57 32.62 -5.79
CA LYS A 122 -9.30 31.37 -5.06
C LYS A 122 -9.41 31.37 -3.56
N ARG A 123 -9.97 32.43 -3.00
CA ARG A 123 -10.10 32.48 -1.56
C ARG A 123 -10.94 31.30 -1.05
N ASP A 124 -12.06 31.05 -1.73
CA ASP A 124 -13.01 29.96 -1.41
C ASP A 124 -12.53 28.52 -1.69
N TRP A 125 -11.36 28.37 -2.32
CA TRP A 125 -10.75 27.08 -2.67
C TRP A 125 -10.18 26.31 -1.49
N TYR A 126 -10.06 27.01 -0.36
CA TYR A 126 -9.56 26.45 0.88
C TYR A 126 -10.54 26.79 1.98
N ILE A 127 -10.24 26.37 3.19
CA ILE A 127 -11.15 26.62 4.30
C ILE A 127 -10.63 27.69 5.26
N TRP A 128 -11.08 28.92 5.03
CA TRP A 128 -10.71 30.08 5.84
C TRP A 128 -11.87 30.49 6.72
N ARG A 129 -11.56 30.93 7.93
CA ARG A 129 -12.53 31.37 8.94
C ARG A 129 -11.89 32.32 9.94
N ASP A 130 -12.68 33.22 10.53
CA ASP A 130 -12.14 34.13 11.54
C ASP A 130 -11.99 33.28 12.79
N GLY A 131 -11.10 33.67 13.69
CA GLY A 131 -10.93 32.89 14.90
C GLY A 131 -12.00 33.35 15.88
N LYS A 132 -11.96 32.80 17.10
CA LYS A 132 -12.91 33.16 18.14
C LYS A 132 -12.10 33.89 19.19
N ASP A 133 -12.30 35.21 19.29
CA ASP A 133 -11.60 36.06 20.25
C ASP A 133 -10.18 35.58 20.61
N GLY A 134 -9.21 35.80 19.73
CA GLY A 134 -7.84 35.39 20.02
C GLY A 134 -7.48 33.92 19.86
N ARG A 135 -8.47 33.06 19.65
CA ARG A 135 -8.22 31.62 19.47
C ARG A 135 -8.72 31.06 18.13
N GLU A 136 -8.37 29.80 17.85
CA GLU A 136 -8.77 29.12 16.61
C GLU A 136 -10.29 29.06 16.38
N PRO A 137 -10.72 29.04 15.11
CA PRO A 137 -12.13 28.97 14.72
C PRO A 137 -12.95 27.90 15.45
N ASN A 138 -12.30 26.80 15.86
CA ASN A 138 -12.95 25.71 16.59
C ASN A 138 -11.89 24.94 17.39
N ASN A 139 -12.29 23.92 18.14
CA ASN A 139 -11.33 23.14 18.96
C ASN A 139 -10.62 21.92 18.33
N TRP A 140 -10.88 21.71 17.04
CA TRP A 140 -10.34 20.63 16.21
C TRP A 140 -8.83 20.46 16.25
N GLU A 141 -8.40 19.23 16.45
CA GLU A 141 -6.98 18.92 16.50
C GLU A 141 -6.57 18.36 15.15
N SER A 142 -5.30 18.53 14.83
CA SER A 142 -4.75 18.05 13.57
C SER A 142 -4.28 16.62 13.75
N ILE A 143 -4.49 15.78 12.73
CA ILE A 143 -4.06 14.40 12.78
C ILE A 143 -2.56 14.40 13.16
N PHE A 144 -1.89 15.48 12.78
CA PHE A 144 -0.46 15.70 13.05
C PHE A 144 -0.19 16.48 14.35
N GLY A 145 -1.10 16.38 15.32
CA GLY A 145 -0.95 17.05 16.60
C GLY A 145 -1.14 18.57 16.50
N GLY A 146 -1.67 19.15 17.57
CA GLY A 146 -1.92 20.59 17.61
C GLY A 146 -3.21 20.96 16.90
N SER A 147 -3.42 22.26 16.71
CA SER A 147 -4.61 22.80 16.06
C SER A 147 -4.70 22.47 14.58
N ALA A 148 -5.93 22.30 14.10
CA ALA A 148 -6.19 21.99 12.69
C ALA A 148 -6.24 23.32 11.95
N TRP A 149 -6.07 24.41 12.69
CA TRP A 149 -6.09 25.77 12.14
C TRP A 149 -4.74 26.43 12.28
N GLN A 150 -4.35 27.17 11.25
CA GLN A 150 -3.08 27.88 11.19
C GLN A 150 -3.35 29.32 10.87
N TYR A 151 -2.96 30.20 11.79
CA TYR A 151 -3.18 31.62 11.59
C TYR A 151 -2.31 32.10 10.45
N ASP A 152 -2.87 33.02 9.67
CA ASP A 152 -2.17 33.59 8.52
C ASP A 152 -2.24 35.11 8.65
N GLU A 153 -1.09 35.72 9.01
CA GLU A 153 -0.96 37.18 9.18
C GLU A 153 -1.24 38.07 7.97
N ARG A 154 -1.32 37.48 6.79
CA ARG A 154 -1.59 38.21 5.55
C ARG A 154 -3.04 38.72 5.51
N THR A 155 -3.92 38.03 6.24
CA THR A 155 -5.35 38.38 6.30
C THR A 155 -6.00 38.44 7.68
N GLY A 156 -5.38 37.81 8.67
CA GLY A 156 -5.93 37.82 10.02
C GLY A 156 -6.79 36.61 10.33
N GLN A 157 -7.01 35.78 9.30
CA GLN A 157 -7.81 34.56 9.41
C GLN A 157 -6.95 33.30 9.46
N TYR A 158 -7.60 32.17 9.74
CA TYR A 158 -6.97 30.87 9.85
C TYR A 158 -7.44 29.94 8.73
N TYR A 159 -6.57 29.01 8.33
CA TYR A 159 -6.94 28.06 7.29
C TYR A 159 -6.91 26.68 7.93
N LEU A 160 -7.82 25.82 7.48
CA LEU A 160 -7.90 24.48 8.02
C LEU A 160 -6.90 23.53 7.39
N HIS A 161 -6.26 22.71 8.21
CA HIS A 161 -5.31 21.74 7.73
C HIS A 161 -5.46 20.51 8.62
N ILE A 162 -6.21 19.53 8.14
CA ILE A 162 -6.41 18.28 8.89
C ILE A 162 -5.07 17.59 9.07
N PHE A 163 -4.23 17.69 8.04
CA PHE A 163 -2.91 17.09 8.10
C PHE A 163 -1.85 18.11 8.53
N ASP A 164 -0.72 18.15 7.85
CA ASP A 164 0.37 19.06 8.19
C ASP A 164 -0.03 20.51 7.93
N VAL A 165 0.70 21.45 8.58
CA VAL A 165 0.49 22.90 8.45
C VAL A 165 0.65 23.28 6.98
N LYS A 166 1.59 22.59 6.32
CA LYS A 166 1.89 22.78 4.91
C LYS A 166 0.98 22.01 3.96
N GLN A 167 -0.17 21.56 4.48
CA GLN A 167 -1.18 20.81 3.72
C GLN A 167 -2.58 21.37 3.91
N PRO A 168 -2.82 22.62 3.47
CA PRO A 168 -4.14 23.19 3.63
C PRO A 168 -5.20 22.38 2.89
N ASP A 169 -6.37 22.19 3.52
CA ASP A 169 -7.44 21.43 2.90
C ASP A 169 -8.21 22.19 1.87
N LEU A 170 -8.46 21.51 0.75
CA LEU A 170 -9.25 22.00 -0.38
C LEU A 170 -10.68 22.01 0.01
N ASN A 171 -11.37 23.03 -0.46
CA ASN A 171 -12.75 23.19 -0.18
C ASN A 171 -13.65 22.43 -1.15
N TRP A 172 -13.90 21.16 -0.85
CA TRP A 172 -14.76 20.34 -1.70
C TRP A 172 -16.18 20.89 -1.91
N GLU A 173 -16.62 21.77 -1.01
CA GLU A 173 -17.95 22.39 -1.09
C GLU A 173 -18.01 23.27 -2.34
N ASN A 174 -16.86 23.78 -2.75
CA ASN A 174 -16.76 24.65 -3.90
C ASN A 174 -16.69 23.91 -5.24
N SER A 175 -17.72 24.07 -6.06
CA SER A 175 -17.77 23.41 -7.38
C SER A 175 -16.56 23.76 -8.26
N GLU A 176 -15.96 24.93 -8.06
CA GLU A 176 -14.79 25.29 -8.89
C GLU A 176 -13.60 24.39 -8.55
N VAL A 177 -13.48 24.06 -7.26
CA VAL A 177 -12.41 23.18 -6.76
C VAL A 177 -12.65 21.82 -7.37
N ARG A 178 -13.87 21.30 -7.23
CA ARG A 178 -14.17 19.97 -7.78
C ARG A 178 -13.86 19.90 -9.25
N GLN A 179 -14.30 20.90 -10.01
CA GLN A 179 -14.06 20.92 -11.45
C GLN A 179 -12.58 21.01 -11.82
N ALA A 180 -11.80 21.77 -11.05
CA ALA A 180 -10.37 21.90 -11.32
C ALA A 180 -9.77 20.52 -11.04
N LEU A 181 -10.24 19.87 -9.97
CA LEU A 181 -9.71 18.55 -9.65
C LEU A 181 -10.09 17.50 -10.71
N TYR A 182 -11.30 17.58 -11.26
CA TYR A 182 -11.65 16.57 -12.27
C TYR A 182 -10.84 16.79 -13.52
N GLU A 183 -10.55 18.05 -13.86
CA GLU A 183 -9.74 18.34 -15.06
C GLU A 183 -8.36 17.80 -14.84
N MET A 184 -7.85 17.92 -13.62
CA MET A 184 -6.52 17.41 -13.31
C MET A 184 -6.48 15.88 -13.44
N VAL A 185 -7.47 15.19 -12.88
CA VAL A 185 -7.55 13.72 -12.93
C VAL A 185 -7.58 13.25 -14.38
N ASN A 186 -8.49 13.82 -15.17
CA ASN A 186 -8.63 13.48 -16.60
C ASN A 186 -7.41 13.78 -17.45
N TRP A 187 -6.61 14.76 -17.00
CA TRP A 187 -5.40 15.13 -17.70
C TRP A 187 -4.46 13.94 -17.57
N TRP A 188 -4.37 13.39 -16.35
CA TRP A 188 -3.53 12.22 -16.11
C TRP A 188 -4.04 11.01 -16.82
N LEU A 189 -5.36 10.82 -16.78
CA LEU A 189 -5.96 9.67 -17.44
C LEU A 189 -5.74 9.77 -18.96
N ASP A 190 -5.84 10.98 -19.51
CA ASP A 190 -5.59 11.17 -20.95
C ASP A 190 -4.14 10.99 -21.29
N LYS A 191 -3.26 11.31 -20.32
CA LYS A 191 -1.81 11.14 -20.53
C LYS A 191 -1.52 9.63 -20.68
N GLY A 192 -2.40 8.78 -20.15
CA GLY A 192 -2.21 7.34 -20.26
C GLY A 192 -2.07 6.46 -19.04
N ILE A 193 -2.12 7.04 -17.83
CA ILE A 193 -1.99 6.20 -16.64
C ILE A 193 -3.20 5.27 -16.57
N ASP A 194 -3.04 4.16 -15.87
CA ASP A 194 -4.06 3.17 -15.76
C ASP A 194 -4.89 3.17 -14.48
N GLY A 195 -4.80 4.23 -13.70
CA GLY A 195 -5.56 4.29 -12.45
C GLY A 195 -4.84 5.02 -11.36
N PHE A 196 -5.39 4.92 -10.15
CA PHE A 196 -4.80 5.58 -9.02
C PHE A 196 -4.99 4.85 -7.72
N ARG A 197 -4.19 5.26 -6.73
CA ARG A 197 -4.22 4.74 -5.38
C ARG A 197 -4.75 6.05 -4.75
N ILE A 198 -5.99 6.08 -4.28
CA ILE A 198 -6.55 7.30 -3.67
C ILE A 198 -6.19 7.43 -2.20
N ASP A 199 -5.54 8.54 -1.87
CA ASP A 199 -5.08 8.83 -0.52
C ASP A 199 -5.89 9.83 0.29
N ALA A 200 -6.17 9.46 1.54
CA ALA A 200 -6.92 10.31 2.49
C ALA A 200 -8.17 11.01 1.99
N ILE A 201 -8.86 10.42 1.03
CA ILE A 201 -10.05 11.09 0.51
C ILE A 201 -11.22 11.02 1.49
N SER A 202 -11.06 10.24 2.56
CA SER A 202 -12.12 10.10 3.54
C SER A 202 -12.37 11.41 4.29
N HIS A 203 -11.48 12.39 4.12
CA HIS A 203 -11.61 13.67 4.82
C HIS A 203 -12.10 14.81 3.97
N ILE A 204 -12.51 14.54 2.75
CA ILE A 204 -12.94 15.63 1.87
C ILE A 204 -14.21 16.36 2.28
N LYS A 205 -15.06 15.68 3.05
CA LYS A 205 -16.31 16.29 3.50
C LYS A 205 -16.23 16.75 4.94
N LYS A 206 -16.36 18.06 5.16
CA LYS A 206 -16.32 18.61 6.53
C LYS A 206 -17.72 18.83 7.09
N LYS A 207 -17.88 18.63 8.40
CA LYS A 207 -19.16 18.83 9.04
C LYS A 207 -19.59 20.29 8.80
N PRO A 208 -20.77 20.51 8.19
CA PRO A 208 -21.42 21.78 7.81
C PRO A 208 -21.32 23.20 8.44
N GLY A 209 -20.86 23.36 9.67
CA GLY A 209 -20.53 24.71 10.17
C GLY A 209 -19.22 24.71 10.93
N LEU A 210 -18.50 23.60 10.81
CA LEU A 210 -17.21 23.37 11.46
C LEU A 210 -17.35 23.69 12.95
N PRO A 211 -18.38 23.12 13.61
CA PRO A 211 -18.59 23.42 15.03
C PRO A 211 -17.62 22.72 15.93
N ASP A 212 -17.53 23.18 17.17
CA ASP A 212 -16.65 22.57 18.15
C ASP A 212 -17.16 21.17 18.36
N LEU A 213 -16.26 20.26 18.63
CA LEU A 213 -16.64 18.89 18.86
C LEU A 213 -16.66 18.74 20.37
N PRO A 214 -17.49 17.81 20.89
CA PRO A 214 -17.54 17.60 22.33
C PRO A 214 -16.18 17.22 22.89
N LEU A 219 -9.14 19.89 27.62
CA LEU A 219 -8.93 19.57 26.20
C LEU A 219 -8.35 20.75 25.39
N LYS A 220 -7.03 20.74 25.13
CA LYS A 220 -6.41 21.82 24.35
C LYS A 220 -7.10 21.85 22.98
N TYR A 221 -6.94 20.73 22.26
CA TYR A 221 -7.53 20.52 20.94
C TYR A 221 -8.06 19.12 20.96
N VAL A 222 -9.21 18.89 20.33
CA VAL A 222 -9.80 17.55 20.32
C VAL A 222 -9.62 16.77 19.02
N PRO A 223 -9.23 15.46 19.12
CA PRO A 223 -9.09 14.71 17.88
C PRO A 223 -10.38 15.05 17.15
N SER A 224 -10.25 15.48 15.89
CA SER A 224 -11.37 15.91 15.04
C SER A 224 -12.08 15.02 14.00
N PHE A 225 -11.85 13.71 14.04
CA PHE A 225 -12.49 12.77 13.09
C PHE A 225 -14.01 12.89 12.94
N ALA A 226 -14.69 13.31 14.01
CA ALA A 226 -16.15 13.44 13.95
C ALA A 226 -16.59 14.67 13.16
N GLY A 227 -15.63 15.52 12.77
CA GLY A 227 -15.95 16.71 12.01
C GLY A 227 -15.51 16.68 10.55
N HIS A 228 -14.66 15.73 10.19
CA HIS A 228 -14.20 15.65 8.83
C HIS A 228 -13.97 14.24 8.27
N MET A 229 -14.24 13.19 9.02
CA MET A 229 -13.97 11.90 8.41
C MET A 229 -15.23 11.13 8.01
N ASN A 230 -15.28 10.66 6.77
CA ASN A 230 -16.43 9.91 6.28
C ASN A 230 -17.72 10.60 6.71
N GLN A 231 -17.77 11.92 6.52
CA GLN A 231 -18.95 12.71 6.89
C GLN A 231 -20.08 12.56 5.87
N PRO A 232 -21.35 12.61 6.35
CA PRO A 232 -22.43 12.46 5.40
C PRO A 232 -22.30 13.49 4.29
N GLY A 233 -22.49 13.01 3.06
CA GLY A 233 -22.39 13.87 1.90
C GLY A 233 -21.12 13.52 1.13
N ILE A 234 -20.17 12.88 1.81
CA ILE A 234 -18.90 12.50 1.14
C ILE A 234 -19.18 11.70 -0.14
N MET A 235 -20.12 10.77 -0.06
CA MET A 235 -20.48 9.95 -1.22
C MET A 235 -20.94 10.79 -2.41
N GLU A 236 -21.51 11.98 -2.14
CA GLU A 236 -21.97 12.85 -3.24
C GLU A 236 -20.72 13.25 -4.03
N TYR A 237 -19.67 13.65 -3.31
CA TYR A 237 -18.46 14.08 -3.98
C TYR A 237 -17.78 12.91 -4.66
N LEU A 238 -17.67 11.80 -3.96
CA LEU A 238 -17.03 10.60 -4.52
C LEU A 238 -17.77 10.03 -5.75
N ARG A 239 -19.11 10.10 -5.77
CA ARG A 239 -19.83 9.57 -6.91
C ARG A 239 -19.59 10.55 -8.07
N GLU A 240 -19.55 11.84 -7.79
CA GLU A 240 -19.32 12.80 -8.86
C GLU A 240 -17.90 12.61 -9.39
N LEU A 241 -16.93 12.37 -8.49
CA LEU A 241 -15.55 12.16 -8.91
C LEU A 241 -15.52 11.02 -9.91
N LYS A 242 -16.18 9.92 -9.55
CA LYS A 242 -16.24 8.74 -10.39
C LYS A 242 -16.90 8.98 -11.76
N GLU A 243 -18.04 9.65 -11.77
CA GLU A 243 -18.75 9.91 -13.03
C GLU A 243 -18.01 10.87 -13.94
N GLN A 244 -17.40 11.91 -13.34
CA GLN A 244 -16.66 12.89 -14.14
C GLN A 244 -15.30 12.43 -14.59
N THR A 245 -14.75 11.44 -13.88
CA THR A 245 -13.44 10.95 -14.26
C THR A 245 -13.27 9.45 -14.54
N PHE A 246 -13.01 8.71 -13.48
CA PHE A 246 -12.75 7.27 -13.53
C PHE A 246 -13.68 6.46 -14.46
N ALA A 247 -14.98 6.71 -14.38
CA ALA A 247 -15.96 6.00 -15.21
C ALA A 247 -15.77 6.12 -16.70
N ARG A 248 -15.03 7.13 -17.14
CA ARG A 248 -14.78 7.36 -18.57
C ARG A 248 -13.57 6.59 -19.12
N TYR A 249 -12.93 5.80 -18.29
CA TYR A 249 -11.75 5.05 -18.73
C TYR A 249 -11.72 3.66 -18.12
N ASP A 250 -10.88 2.82 -18.73
CA ASP A 250 -10.67 1.43 -18.32
C ASP A 250 -9.47 1.44 -17.36
N ILE A 251 -9.73 1.83 -16.13
CA ILE A 251 -8.68 1.90 -15.14
C ILE A 251 -9.07 1.19 -13.86
N MET A 252 -8.19 1.28 -12.84
CA MET A 252 -8.46 0.69 -11.56
C MET A 252 -8.18 1.75 -10.51
N THR A 253 -8.98 1.73 -9.46
CA THR A 253 -8.80 2.67 -8.37
C THR A 253 -8.68 1.84 -7.09
N VAL A 254 -7.73 2.21 -6.26
CA VAL A 254 -7.46 1.52 -5.00
C VAL A 254 -7.66 2.52 -3.86
N GLY A 255 -8.53 2.18 -2.91
CA GLY A 255 -8.79 3.06 -1.78
C GLY A 255 -8.35 2.38 -0.49
N GLU A 256 -8.68 3.01 0.63
CA GLU A 256 -8.33 2.50 1.95
C GLU A 256 -9.53 2.58 2.89
N ALA A 257 -9.71 1.52 3.67
CA ALA A 257 -10.81 1.41 4.62
C ALA A 257 -10.44 2.08 5.93
N ASN A 258 -10.14 3.37 5.88
CA ASN A 258 -9.77 4.14 7.06
C ASN A 258 -11.05 4.57 7.78
N GLY A 259 -11.27 3.97 8.94
CA GLY A 259 -12.47 4.25 9.77
C GLY A 259 -13.69 3.71 9.06
N VAL A 260 -13.51 2.64 8.29
CA VAL A 260 -14.59 2.01 7.55
C VAL A 260 -14.67 0.54 7.91
N THR A 261 -15.83 0.10 8.37
CA THR A 261 -16.00 -1.30 8.75
C THR A 261 -16.30 -2.11 7.49
N VAL A 262 -16.10 -3.42 7.57
CA VAL A 262 -16.37 -4.31 6.44
C VAL A 262 -17.78 -4.09 5.86
N ASP A 263 -18.71 -3.63 6.70
CA ASP A 263 -20.10 -3.37 6.28
C ASP A 263 -20.28 -2.06 5.50
N GLU A 264 -19.57 -1.02 5.93
CA GLU A 264 -19.64 0.29 5.30
C GLU A 264 -18.77 0.32 4.04
N ALA A 265 -17.89 -0.69 3.92
CA ALA A 265 -16.96 -0.81 2.79
C ALA A 265 -17.63 -1.08 1.46
N GLU A 266 -18.85 -1.61 1.48
CA GLU A 266 -19.54 -1.89 0.22
C GLU A 266 -19.88 -0.59 -0.51
N GLN A 267 -20.11 0.49 0.22
CA GLN A 267 -20.43 1.78 -0.39
C GLN A 267 -19.20 2.37 -1.09
N TRP A 268 -18.01 1.97 -0.64
CA TRP A 268 -16.74 2.44 -1.22
C TRP A 268 -16.23 1.56 -2.36
N VAL A 269 -16.35 0.25 -2.21
CA VAL A 269 -15.85 -0.67 -3.23
C VAL A 269 -16.87 -1.59 -3.93
N GLY A 270 -18.15 -1.42 -3.63
CA GLY A 270 -19.21 -2.23 -4.24
C GLY A 270 -19.00 -2.17 -5.73
N GLU A 271 -19.30 -3.25 -6.43
CA GLU A 271 -19.06 -3.25 -7.87
C GLU A 271 -19.98 -2.34 -8.71
N GLU A 272 -21.27 -2.27 -8.42
CA GLU A 272 -22.15 -1.40 -9.21
C GLU A 272 -21.94 0.08 -8.89
N ASN A 273 -22.24 0.45 -7.65
CA ASN A 273 -22.06 1.83 -7.22
C ASN A 273 -21.05 1.75 -6.09
N GLY A 274 -19.78 1.84 -6.48
CA GLY A 274 -18.67 1.79 -5.55
C GLY A 274 -17.71 2.75 -6.20
N VAL A 275 -17.19 3.67 -5.41
CA VAL A 275 -16.25 4.65 -5.92
C VAL A 275 -14.93 4.04 -6.33
N PHE A 276 -14.50 3.01 -5.61
CA PHE A 276 -13.24 2.38 -5.93
C PHE A 276 -13.43 0.91 -6.31
N ASN A 277 -12.44 0.38 -7.03
CA ASN A 277 -12.45 -1.01 -7.46
C ASN A 277 -11.98 -1.96 -6.38
N MET A 278 -11.00 -1.53 -5.60
CA MET A 278 -10.50 -2.40 -4.53
C MET A 278 -10.13 -1.54 -3.34
N ILE A 279 -9.89 -2.17 -2.20
CA ILE A 279 -9.56 -1.37 -1.05
C ILE A 279 -8.56 -2.05 -0.11
N PHE A 280 -7.71 -1.25 0.52
CA PHE A 280 -6.75 -1.76 1.48
C PHE A 280 -7.45 -1.61 2.85
N GLN A 281 -7.09 -2.46 3.80
CA GLN A 281 -7.64 -2.38 5.15
C GLN A 281 -6.37 -2.50 5.97
N PHE A 282 -6.35 -1.86 7.13
CA PHE A 282 -5.17 -1.89 7.98
C PHE A 282 -5.38 -2.42 9.40
N GLU A 283 -6.47 -3.14 9.61
CA GLU A 283 -6.76 -3.66 10.94
C GLU A 283 -5.75 -4.70 11.41
N HIS A 284 -5.00 -5.28 10.47
CA HIS A 284 -4.00 -6.30 10.79
C HIS A 284 -2.61 -5.73 11.09
N LEU A 285 -2.41 -4.45 10.77
CA LEU A 285 -1.11 -3.82 11.01
C LEU A 285 -0.65 -3.77 12.46
N GLY A 286 0.59 -4.22 12.66
CA GLY A 286 1.22 -4.26 13.98
C GLY A 286 0.77 -5.35 14.91
N LEU A 287 1.60 -6.39 15.08
CA LEU A 287 1.28 -7.51 15.99
C LEU A 287 2.48 -8.02 16.82
N TRP A 288 2.58 -7.46 18.03
CA TRP A 288 3.62 -7.76 19.01
C TRP A 288 3.55 -9.24 19.35
N GLU A 289 4.69 -9.84 19.66
CA GLU A 289 4.67 -11.26 19.98
C GLU A 289 4.41 -11.50 21.47
N ARG A 290 3.75 -12.60 21.81
CA ARG A 290 3.47 -12.88 23.22
C ARG A 290 4.60 -13.68 23.89
N ARG A 291 4.28 -14.33 25.02
CA ARG A 291 5.28 -15.11 25.73
C ARG A 291 5.62 -16.36 24.88
N ALA A 292 4.60 -16.94 24.26
CA ALA A 292 4.77 -17.93 23.21
C ALA A 292 3.56 -18.01 22.31
N SER A 295 5.61 -16.27 17.68
CA SER A 295 4.61 -16.18 18.74
C SER A 295 3.67 -14.99 18.55
N ILE A 296 3.18 -14.80 17.34
CA ILE A 296 2.24 -13.73 17.09
C ILE A 296 0.86 -14.33 17.42
N ASP A 297 -0.15 -13.48 17.47
CA ASP A 297 -1.50 -13.94 17.75
C ASP A 297 -2.07 -14.30 16.38
N VAL A 298 -1.88 -15.54 15.98
CA VAL A 298 -2.37 -16.02 14.68
C VAL A 298 -3.89 -16.00 14.58
N ARG A 299 -4.56 -16.37 15.68
CA ARG A 299 -6.01 -16.37 15.66
C ARG A 299 -6.59 -15.00 15.40
N ARG A 300 -6.03 -13.96 15.98
CA ARG A 300 -6.54 -12.60 15.74
C ARG A 300 -6.28 -12.18 14.28
N LEU A 301 -5.20 -12.70 13.70
CA LEU A 301 -4.85 -12.40 12.32
C LEU A 301 -5.88 -13.11 11.45
N LYS A 302 -6.20 -14.37 11.79
CA LYS A 302 -7.20 -15.16 11.05
C LYS A 302 -8.53 -14.47 11.04
N ARG A 303 -8.92 -13.94 12.20
CA ARG A 303 -10.19 -13.24 12.31
C ARG A 303 -10.20 -11.97 11.49
N THR A 304 -9.21 -11.11 11.69
CA THR A 304 -9.16 -9.86 10.95
C THR A 304 -9.18 -10.05 9.43
N LEU A 305 -8.29 -10.88 8.91
CA LEU A 305 -8.21 -11.14 7.47
C LEU A 305 -9.41 -11.88 6.93
N THR A 306 -9.97 -12.78 7.74
CA THR A 306 -11.15 -13.55 7.31
C THR A 306 -12.41 -12.68 7.20
N LYS A 307 -12.59 -11.70 8.11
CA LYS A 307 -13.82 -10.88 7.94
C LYS A 307 -13.78 -10.13 6.61
N TRP A 308 -12.60 -9.68 6.17
CA TRP A 308 -12.50 -8.97 4.87
C TRP A 308 -12.72 -9.89 3.69
N GLN A 309 -12.23 -11.12 3.81
CA GLN A 309 -12.37 -12.13 2.77
C GLN A 309 -13.84 -12.45 2.60
N LYS A 310 -14.49 -12.85 3.70
CA LYS A 310 -15.89 -13.19 3.63
C LYS A 310 -16.77 -11.96 3.48
N GLY A 311 -16.37 -10.87 4.14
CA GLY A 311 -17.12 -9.62 4.10
C GLY A 311 -17.26 -8.94 2.74
N LEU A 312 -16.25 -9.06 1.90
CA LEU A 312 -16.29 -8.45 0.57
C LEU A 312 -16.55 -9.43 -0.54
N GLU A 313 -16.73 -10.68 -0.18
CA GLU A 313 -17.01 -11.73 -1.15
C GLU A 313 -18.30 -11.36 -1.89
N ASN A 314 -18.20 -11.21 -3.21
CA ASN A 314 -19.33 -10.84 -4.07
C ASN A 314 -19.90 -9.45 -3.76
N ARG A 315 -19.15 -8.66 -2.99
CA ARG A 315 -19.57 -7.32 -2.61
C ARG A 315 -18.52 -6.24 -2.87
N GLY A 316 -17.29 -6.65 -3.14
CA GLY A 316 -16.21 -5.71 -3.40
C GLY A 316 -14.95 -6.47 -3.73
N TRP A 317 -13.79 -5.84 -3.53
CA TRP A 317 -12.56 -6.53 -3.85
C TRP A 317 -11.46 -6.02 -2.92
N ASN A 318 -10.72 -6.95 -2.33
CA ASN A 318 -9.62 -6.68 -1.41
C ASN A 318 -8.30 -6.44 -2.10
N ALA A 319 -7.56 -5.45 -1.60
CA ALA A 319 -6.24 -5.14 -2.13
C ALA A 319 -5.40 -5.80 -1.02
N LEU A 320 -4.65 -6.84 -1.36
CA LEU A 320 -3.85 -7.57 -0.37
C LEU A 320 -2.40 -7.13 -0.23
N PHE A 321 -1.94 -6.99 1.01
CA PHE A 321 -0.57 -6.57 1.23
C PHE A 321 -0.11 -6.83 2.67
N LEU A 322 1.22 -6.78 2.79
CA LEU A 322 2.00 -6.94 4.03
C LEU A 322 3.00 -5.83 4.25
N GLU A 323 3.37 -5.14 3.18
CA GLU A 323 4.32 -4.06 3.30
C GLU A 323 3.97 -2.80 2.51
N ASN A 324 4.63 -1.69 2.88
CA ASN A 324 4.50 -0.38 2.24
C ASN A 324 5.59 0.53 2.75
N HIS A 325 5.66 1.74 2.20
CA HIS A 325 6.69 2.71 2.59
C HIS A 325 6.55 3.26 4.01
N ASP A 326 5.41 3.02 4.65
CA ASP A 326 5.17 3.49 6.02
C ASP A 326 5.28 2.40 7.06
N LEU A 327 5.70 1.21 6.64
CA LEU A 327 5.80 0.10 7.57
C LEU A 327 7.16 -0.55 7.66
N PRO A 328 7.41 -1.26 8.78
CA PRO A 328 8.68 -1.96 8.85
C PRO A 328 8.50 -3.16 7.88
N ARG A 329 9.56 -3.92 7.64
CA ARG A 329 9.46 -5.07 6.73
C ARG A 329 8.71 -6.22 7.39
N SER A 330 7.93 -6.94 6.60
CA SER A 330 7.14 -8.07 7.10
C SER A 330 7.95 -9.24 7.67
N VAL A 331 9.00 -9.68 6.97
CA VAL A 331 9.75 -10.81 7.51
C VAL A 331 10.35 -10.45 8.88
N SER A 332 10.74 -9.19 9.08
CA SER A 332 11.33 -8.73 10.34
C SER A 332 10.35 -8.43 11.46
N THR A 333 9.07 -8.39 11.12
CA THR A 333 8.03 -8.10 12.09
C THR A 333 7.09 -9.30 12.31
N TRP A 334 6.54 -9.83 11.23
CA TRP A 334 5.62 -10.99 11.28
C TRP A 334 6.35 -12.32 11.28
N GLY A 335 7.55 -12.33 10.71
CA GLY A 335 8.31 -13.55 10.66
C GLY A 335 9.49 -13.57 11.58
N ASN A 336 10.50 -14.27 11.15
CA ASN A 336 11.71 -14.41 11.90
C ASN A 336 12.89 -14.22 10.99
N ASP A 337 13.52 -13.04 11.04
CA ASP A 337 14.67 -12.73 10.20
C ASP A 337 16.01 -13.23 10.72
N ARG A 338 16.00 -13.79 11.91
CA ARG A 338 17.23 -14.33 12.52
C ARG A 338 17.52 -15.83 12.27
N ASP A 339 16.56 -16.69 12.54
CA ASP A 339 16.73 -18.13 12.33
C ASP A 339 15.97 -18.68 11.12
N TYR A 340 14.81 -18.10 10.85
CA TYR A 340 14.00 -18.54 9.73
C TYR A 340 13.73 -17.45 8.71
N TRP A 341 14.78 -16.70 8.37
CA TRP A 341 14.65 -15.62 7.40
C TRP A 341 13.88 -15.99 6.12
N ALA A 342 14.46 -16.88 5.32
CA ALA A 342 13.85 -17.31 4.07
C ALA A 342 12.56 -18.06 4.21
N GLU A 343 12.48 -18.92 5.22
CA GLU A 343 11.28 -19.70 5.44
C GLU A 343 10.12 -18.81 5.78
N SER A 344 10.32 -17.93 6.76
CA SER A 344 9.24 -17.01 7.18
C SER A 344 8.82 -16.07 6.05
N ALA A 345 9.79 -15.57 5.27
CA ALA A 345 9.49 -14.66 4.14
C ALA A 345 8.58 -15.38 3.13
N LYS A 346 8.93 -16.61 2.79
CA LYS A 346 8.13 -17.40 1.86
C LYS A 346 6.77 -17.72 2.50
N ALA A 347 6.79 -18.08 3.78
CA ALA A 347 5.54 -18.42 4.50
C ALA A 347 4.59 -17.22 4.44
N LEU A 348 5.08 -16.04 4.84
CA LEU A 348 4.26 -14.82 4.83
C LEU A 348 3.73 -14.53 3.45
N GLY A 349 4.58 -14.77 2.46
CA GLY A 349 4.23 -14.54 1.04
C GLY A 349 3.07 -15.43 0.64
N ALA A 350 3.15 -16.73 0.95
CA ALA A 350 2.05 -17.69 0.59
C ALA A 350 0.77 -17.33 1.29
N LEU A 351 0.94 -16.94 2.55
CA LEU A 351 -0.16 -16.57 3.40
C LEU A 351 -1.03 -15.46 2.87
N TYR A 352 -0.46 -14.29 2.57
CA TYR A 352 -1.34 -13.23 2.11
C TYR A 352 -1.55 -13.24 0.62
N PHE A 353 -0.54 -13.70 -0.10
CA PHE A 353 -0.61 -13.72 -1.58
C PHE A 353 -1.76 -14.48 -2.18
N PHE A 354 -2.01 -15.68 -1.64
CA PHE A 354 -3.09 -16.51 -2.15
C PHE A 354 -4.51 -16.31 -1.66
N MET A 355 -4.82 -15.16 -1.06
CA MET A 355 -6.19 -14.91 -0.58
C MET A 355 -7.00 -14.33 -1.72
N GLN A 356 -8.28 -14.10 -1.50
CA GLN A 356 -9.07 -13.55 -2.59
C GLN A 356 -8.86 -12.03 -2.63
N GLY A 357 -8.32 -11.53 -3.74
CA GLY A 357 -8.06 -10.11 -3.92
C GLY A 357 -6.88 -9.91 -4.85
N THR A 358 -6.42 -8.67 -4.97
CA THR A 358 -5.29 -8.36 -5.83
C THR A 358 -4.10 -8.12 -4.92
N PRO A 359 -3.09 -8.98 -5.02
CA PRO A 359 -1.91 -8.80 -4.18
C PRO A 359 -0.95 -7.72 -4.63
N PHE A 360 -0.38 -7.05 -3.62
CA PHE A 360 0.59 -5.99 -3.78
C PHE A 360 1.87 -6.42 -3.13
N ILE A 361 2.94 -6.27 -3.90
CA ILE A 361 4.28 -6.60 -3.47
C ILE A 361 5.02 -5.26 -3.39
N TYR A 362 5.55 -4.93 -2.22
CA TYR A 362 6.28 -3.70 -2.04
C TYR A 362 7.71 -3.98 -2.44
N GLN A 363 8.36 -3.01 -3.07
CA GLN A 363 9.73 -3.19 -3.52
C GLN A 363 10.62 -3.82 -2.45
N GLY A 364 11.26 -4.93 -2.79
CA GLY A 364 12.14 -5.62 -1.86
C GLY A 364 11.49 -6.74 -1.09
N GLN A 365 10.17 -6.70 -1.00
CA GLN A 365 9.44 -7.74 -0.29
C GLN A 365 9.71 -9.10 -0.96
N GLU A 366 9.75 -9.11 -2.30
CA GLU A 366 9.96 -10.33 -3.07
C GLU A 366 11.34 -10.98 -2.90
N ILE A 367 12.29 -10.25 -2.31
CA ILE A 367 13.64 -10.79 -2.08
C ILE A 367 13.85 -10.95 -0.59
N GLY A 368 12.82 -10.65 0.20
CA GLY A 368 12.91 -10.76 1.62
C GLY A 368 13.71 -9.67 2.31
N MET A 369 13.59 -8.42 1.87
CA MET A 369 14.32 -7.35 2.55
C MET A 369 13.85 -7.26 4.00
N THR A 370 14.79 -6.99 4.89
CA THR A 370 14.48 -6.90 6.29
C THR A 370 14.65 -5.50 6.82
N ASN A 371 14.35 -5.32 8.11
CA ASN A 371 14.50 -4.03 8.76
C ASN A 371 15.98 -3.70 8.75
N VAL A 372 16.28 -2.42 8.91
CA VAL A 372 17.67 -2.04 8.91
C VAL A 372 17.91 -1.62 10.35
N ARG A 373 19.11 -1.89 10.84
CA ARG A 373 19.43 -1.52 12.20
C ARG A 373 20.66 -0.63 12.17
N PHE A 374 20.47 0.68 11.98
CA PHE A 374 21.63 1.57 11.97
C PHE A 374 21.87 1.89 13.45
N ASP A 375 23.14 2.00 13.82
CA ASP A 375 23.53 2.31 15.19
C ASP A 375 23.34 3.79 15.50
N ASP A 376 23.66 4.62 14.51
CA ASP A 376 23.56 6.07 14.65
C ASP A 376 22.17 6.58 14.20
N ILE A 377 21.49 7.37 15.06
CA ILE A 377 20.17 7.92 14.72
C ILE A 377 20.27 8.77 13.46
N ARG A 378 21.47 9.32 13.23
CA ARG A 378 21.76 10.18 12.07
C ARG A 378 21.63 9.51 10.70
N ASP A 379 21.69 8.17 10.67
CA ASP A 379 21.56 7.41 9.43
C ASP A 379 20.09 7.21 9.05
N TYR A 380 19.22 7.56 9.98
CA TYR A 380 17.80 7.48 9.77
C TYR A 380 17.38 8.79 9.11
N ARG A 381 16.15 8.84 8.62
CA ARG A 381 15.66 10.02 7.94
C ARG A 381 14.35 10.57 8.44
N ASP A 382 13.30 9.78 8.31
CA ASP A 382 11.98 10.18 8.76
C ASP A 382 12.08 10.89 10.11
N VAL A 383 11.58 12.14 10.15
CA VAL A 383 11.59 12.97 11.36
C VAL A 383 10.99 12.23 12.56
N SER A 384 10.05 11.31 12.30
CA SER A 384 9.37 10.51 13.34
C SER A 384 10.35 9.74 14.23
N ALA A 385 11.32 9.10 13.58
CA ALA A 385 12.32 8.32 14.28
C ALA A 385 13.09 9.22 15.24
N LEU A 386 13.61 10.32 14.71
CA LEU A 386 14.40 11.28 15.48
C LEU A 386 13.66 11.81 16.71
N ARG A 387 12.35 12.02 16.60
CA ARG A 387 11.60 12.62 17.69
C ARG A 387 11.64 11.77 18.96
N ILE A 405 12.90 0.82 19.46
CA ILE A 405 11.65 0.98 18.73
C ILE A 405 11.81 1.40 17.26
N ILE A 406 12.90 2.10 16.94
CA ILE A 406 13.18 2.54 15.56
C ILE A 406 13.56 1.28 14.75
N TRP A 407 14.50 0.50 15.29
CA TRP A 407 14.99 -0.76 14.72
C TRP A 407 13.84 -1.72 14.39
N LYS A 408 12.78 -1.65 15.17
CA LYS A 408 11.64 -2.53 14.97
C LYS A 408 10.43 -1.98 14.22
N THR A 409 10.02 -0.76 14.53
CA THR A 409 8.86 -0.12 13.90
C THR A 409 9.11 1.03 12.93
N GLY A 410 10.37 1.42 12.75
CA GLY A 410 10.69 2.53 11.85
C GLY A 410 10.24 2.44 10.40
N ARG A 411 9.89 3.61 9.84
CA ARG A 411 9.45 3.69 8.45
C ARG A 411 10.62 3.50 7.49
N ASP A 412 11.80 3.96 7.89
CA ASP A 412 13.00 3.83 7.06
C ASP A 412 13.35 2.39 6.68
N ASN A 413 12.83 1.44 7.45
CA ASN A 413 13.03 0.02 7.22
C ASN A 413 12.60 -0.35 5.81
N SER A 414 11.66 0.41 5.26
CA SER A 414 11.16 0.17 3.93
C SER A 414 11.60 1.21 2.90
N ARG A 415 12.51 2.10 3.33
CA ARG A 415 13.00 3.16 2.46
C ARG A 415 14.48 3.10 2.13
N THR A 416 15.16 2.08 2.64
CA THR A 416 16.58 1.94 2.35
C THR A 416 16.54 1.51 0.87
N PRO A 417 17.60 1.77 0.11
CA PRO A 417 17.64 1.41 -1.31
C PRO A 417 17.37 -0.06 -1.65
N MET A 418 16.64 -0.26 -2.75
CA MET A 418 16.28 -1.58 -3.28
C MET A 418 17.58 -2.30 -3.58
N GLN A 419 17.64 -3.56 -3.19
CA GLN A 419 18.85 -4.39 -3.37
C GLN A 419 18.91 -5.22 -4.64
N TRP A 420 19.50 -4.63 -5.68
CA TRP A 420 19.63 -5.25 -7.00
C TRP A 420 20.75 -6.26 -7.26
N SER A 421 21.92 -6.01 -6.70
CA SER A 421 23.06 -6.90 -6.90
C SER A 421 23.96 -6.80 -5.71
N GLY A 422 25.14 -7.42 -5.81
CA GLY A 422 26.11 -7.40 -4.73
C GLY A 422 27.13 -6.31 -5.01
N ALA A 423 26.84 -5.50 -6.03
CA ALA A 423 27.70 -4.38 -6.45
C ALA A 423 27.70 -3.27 -5.42
N SER A 424 28.54 -2.26 -5.63
CA SER A 424 28.62 -1.15 -4.70
C SER A 424 27.20 -0.64 -4.43
N ASN A 425 26.84 -0.41 -3.17
CA ASN A 425 25.48 0.09 -2.86
C ASN A 425 24.34 -0.71 -3.46
N ALA A 426 24.55 -2.03 -3.53
CA ALA A 426 23.57 -2.97 -4.05
C ALA A 426 23.11 -2.70 -5.47
N GLY A 427 23.92 -2.00 -6.24
CA GLY A 427 23.55 -1.69 -7.62
C GLY A 427 22.51 -0.60 -7.71
N PHE A 428 22.11 -0.03 -6.56
CA PHE A 428 21.12 1.07 -6.54
C PHE A 428 21.62 2.39 -7.14
N THR A 429 22.87 2.73 -6.88
CA THR A 429 23.42 3.96 -7.39
C THR A 429 24.92 3.81 -7.55
N THR A 430 25.51 4.74 -8.29
CA THR A 430 26.94 4.78 -8.56
C THR A 430 27.47 5.94 -7.72
N GLY A 431 26.56 6.63 -7.04
CA GLY A 431 26.88 7.75 -6.19
C GLY A 431 26.72 7.34 -4.74
N THR A 432 26.27 8.26 -3.91
CA THR A 432 26.07 7.99 -2.49
C THR A 432 24.55 8.00 -2.30
N PRO A 433 23.98 6.87 -1.82
CA PRO A 433 22.51 6.82 -1.66
C PRO A 433 22.04 7.85 -0.65
N TRP A 434 20.86 8.43 -0.91
CA TRP A 434 20.30 9.45 -0.01
C TRP A 434 20.16 8.90 1.41
N ILE A 435 20.10 7.57 1.51
CA ILE A 435 20.00 6.86 2.80
C ILE A 435 20.81 5.59 2.55
N LYS A 436 21.51 5.10 3.57
CA LYS A 436 22.34 3.90 3.41
C LYS A 436 21.62 2.59 3.09
N VAL A 437 22.28 1.79 2.26
CA VAL A 437 21.79 0.48 1.85
C VAL A 437 21.95 -0.42 3.08
N ASN A 438 21.07 -1.40 3.23
CA ASN A 438 21.14 -2.30 4.38
C ASN A 438 22.38 -3.17 4.12
N GLU A 439 23.21 -3.35 5.15
CA GLU A 439 24.46 -4.14 5.05
C GLU A 439 24.27 -5.61 4.58
N ASN A 440 23.03 -6.11 4.61
CA ASN A 440 22.75 -7.48 4.19
C ASN A 440 22.51 -7.64 2.70
N TYR A 441 22.80 -6.61 1.91
CA TYR A 441 22.57 -6.67 0.46
C TYR A 441 23.47 -7.66 -0.28
N ARG A 442 24.63 -7.98 0.29
CA ARG A 442 25.55 -8.91 -0.38
C ARG A 442 24.91 -10.28 -0.58
N THR A 443 23.95 -10.57 0.28
CA THR A 443 23.20 -11.82 0.26
C THR A 443 21.79 -11.57 -0.27
N ILE A 444 21.09 -10.60 0.34
CA ILE A 444 19.71 -10.27 -0.06
C ILE A 444 19.72 -9.28 -1.22
N ASN A 445 19.75 -9.80 -2.44
CA ASN A 445 19.75 -8.89 -3.58
C ASN A 445 19.20 -9.67 -4.75
N VAL A 446 18.59 -8.97 -5.71
CA VAL A 446 18.01 -9.62 -6.87
C VAL A 446 18.92 -10.55 -7.65
N GLU A 447 20.12 -10.07 -7.99
CA GLU A 447 21.08 -10.84 -8.77
C GLU A 447 21.32 -12.23 -8.17
N ALA A 448 21.71 -12.27 -6.90
CA ALA A 448 21.99 -13.52 -6.17
C ALA A 448 20.72 -14.37 -6.00
N GLU A 449 19.60 -13.74 -5.66
CA GLU A 449 18.37 -14.50 -5.49
C GLU A 449 17.85 -15.16 -6.76
N ARG A 450 18.05 -14.52 -7.92
CA ARG A 450 17.59 -15.09 -9.19
C ARG A 450 18.45 -16.29 -9.61
N ARG A 451 19.66 -16.38 -9.07
CA ARG A 451 20.55 -17.50 -9.40
C ARG A 451 20.22 -18.71 -8.53
N ASP A 452 19.66 -18.41 -7.36
CA ASP A 452 19.28 -19.39 -6.37
C ASP A 452 17.83 -19.84 -6.53
N PRO A 453 17.63 -21.11 -6.96
CA PRO A 453 16.27 -21.61 -7.14
C PRO A 453 15.49 -21.86 -5.81
N ASN A 454 16.14 -21.70 -4.65
CA ASN A 454 15.51 -21.91 -3.33
C ASN A 454 15.45 -20.52 -2.62
N SER A 455 15.56 -19.43 -3.40
CA SER A 455 15.53 -18.10 -2.80
C SER A 455 14.12 -17.58 -2.61
N VAL A 456 13.99 -16.55 -1.78
CA VAL A 456 12.69 -15.94 -1.54
C VAL A 456 12.15 -15.43 -2.87
N TRP A 457 13.02 -14.90 -3.71
CA TRP A 457 12.64 -14.35 -5.02
C TRP A 457 12.03 -15.41 -5.91
N SER A 458 12.68 -16.57 -5.96
CA SER A 458 12.21 -17.68 -6.78
C SER A 458 10.86 -18.16 -6.26
N PHE A 459 10.69 -18.15 -4.93
CA PHE A 459 9.42 -18.57 -4.31
C PHE A 459 8.34 -17.62 -4.82
N TYR A 460 8.60 -16.30 -4.74
CA TYR A 460 7.67 -15.28 -5.23
C TYR A 460 7.31 -15.41 -6.69
N ARG A 461 8.30 -15.74 -7.51
CA ARG A 461 8.08 -15.90 -8.94
C ARG A 461 7.15 -17.13 -9.11
N GLN A 462 7.40 -18.21 -8.36
CA GLN A 462 6.55 -19.38 -8.47
C GLN A 462 5.13 -19.01 -8.00
N MET A 463 5.01 -18.19 -6.94
CA MET A 463 3.68 -17.80 -6.47
C MET A 463 2.94 -17.06 -7.57
N ILE A 464 3.63 -16.13 -8.20
CA ILE A 464 3.01 -15.35 -9.29
C ILE A 464 2.61 -16.33 -10.42
N GLN A 465 3.51 -17.26 -10.76
CA GLN A 465 3.23 -18.27 -11.80
C GLN A 465 1.97 -19.08 -11.40
N LEU A 466 1.91 -19.55 -10.16
CA LEU A 466 0.75 -20.32 -9.69
C LEU A 466 -0.57 -19.58 -9.89
N ARG A 467 -0.65 -18.35 -9.39
CA ARG A 467 -1.88 -17.55 -9.48
C ARG A 467 -2.31 -17.30 -10.93
N LYS A 468 -1.35 -17.12 -11.84
CA LYS A 468 -1.69 -16.88 -13.27
C LYS A 468 -2.21 -18.11 -14.01
N ALA A 469 -1.71 -19.27 -13.62
CA ALA A 469 -2.07 -20.54 -14.20
C ALA A 469 -3.29 -21.20 -13.55
N ASN A 470 -3.77 -20.64 -12.45
CA ASN A 470 -4.92 -21.21 -11.73
C ASN A 470 -5.87 -20.13 -11.29
N GLU A 471 -6.79 -19.73 -12.16
CA GLU A 471 -7.73 -18.66 -11.79
C GLU A 471 -8.54 -18.90 -10.50
N LEU A 472 -8.41 -20.07 -9.87
CA LEU A 472 -9.14 -20.33 -8.64
C LEU A 472 -8.61 -19.39 -7.54
N PHE A 473 -7.35 -18.95 -7.65
CA PHE A 473 -6.75 -18.04 -6.68
C PHE A 473 -7.26 -16.62 -6.91
N VAL A 474 -7.83 -16.39 -8.08
CA VAL A 474 -8.36 -15.08 -8.39
C VAL A 474 -9.84 -15.04 -8.01
N TYR A 475 -10.66 -15.88 -8.64
CA TYR A 475 -12.11 -15.86 -8.36
C TYR A 475 -12.66 -16.87 -7.38
N GLY A 476 -11.82 -17.78 -6.91
CA GLY A 476 -12.26 -18.79 -5.96
C GLY A 476 -12.57 -18.15 -4.64
N THR A 477 -13.59 -18.67 -3.97
CA THR A 477 -14.00 -18.15 -2.68
C THR A 477 -13.10 -18.72 -1.59
N TYR A 478 -12.80 -17.88 -0.62
CA TYR A 478 -11.97 -18.18 0.53
C TYR A 478 -12.81 -18.76 1.65
N ASP A 479 -12.23 -19.70 2.39
CA ASP A 479 -12.87 -20.36 3.54
C ASP A 479 -11.77 -20.69 4.50
N LEU A 480 -11.92 -20.22 5.74
CA LEU A 480 -10.93 -20.48 6.76
C LEU A 480 -11.16 -21.89 7.33
N LEU A 481 -10.06 -22.57 7.62
CA LEU A 481 -10.09 -23.92 8.19
C LEU A 481 -9.34 -23.81 9.49
N LEU A 482 -9.57 -24.76 10.40
CA LEU A 482 -8.91 -24.75 11.70
C LEU A 482 -8.82 -23.37 12.31
N GLU A 483 -9.94 -22.67 12.40
CA GLU A 483 -9.96 -21.33 12.96
C GLU A 483 -9.40 -21.13 14.36
N ASN A 484 -9.58 -22.12 15.22
CA ASN A 484 -9.12 -22.07 16.60
C ASN A 484 -7.68 -22.56 16.77
N HIS A 485 -7.04 -22.98 15.69
CA HIS A 485 -5.68 -23.48 15.86
C HIS A 485 -4.80 -22.30 16.24
N PRO A 486 -3.96 -22.43 17.28
CA PRO A 486 -3.12 -21.30 17.69
C PRO A 486 -1.97 -20.89 16.81
N SER A 487 -1.47 -21.77 15.93
CA SER A 487 -0.33 -21.44 15.07
C SER A 487 -0.51 -21.57 13.58
N ILE A 488 -1.35 -22.50 13.18
CA ILE A 488 -1.60 -22.74 11.78
C ILE A 488 -2.72 -21.90 11.22
N TYR A 489 -2.44 -21.28 10.07
CA TYR A 489 -3.39 -20.45 9.39
C TYR A 489 -3.60 -21.27 8.12
N ALA A 490 -4.78 -21.85 7.95
CA ALA A 490 -5.10 -22.67 6.80
C ALA A 490 -6.40 -22.21 6.17
N TYR A 491 -6.40 -22.08 4.86
CA TYR A 491 -7.61 -21.65 4.20
C TYR A 491 -7.69 -22.30 2.88
N THR A 492 -8.90 -22.41 2.34
CA THR A 492 -9.09 -23.02 1.04
C THR A 492 -9.57 -21.99 0.02
N ARG A 493 -9.50 -22.34 -1.25
CA ARG A 493 -9.94 -21.48 -2.32
C ARG A 493 -10.73 -22.45 -3.17
N THR A 494 -11.97 -22.08 -3.47
CA THR A 494 -12.86 -22.92 -4.26
C THR A 494 -13.47 -22.23 -5.46
N LEU A 495 -13.32 -22.84 -6.63
CA LEU A 495 -13.89 -22.29 -7.85
C LEU A 495 -14.35 -23.56 -8.57
N GLY A 496 -15.67 -23.77 -8.60
CA GLY A 496 -16.23 -24.96 -9.25
C GLY A 496 -15.59 -26.23 -8.70
N ARG A 497 -15.10 -27.10 -9.59
CA ARG A 497 -14.47 -28.35 -9.13
C ARG A 497 -13.00 -28.17 -8.76
N ASP A 498 -12.50 -26.95 -8.92
CA ASP A 498 -11.10 -26.60 -8.62
C ASP A 498 -10.93 -26.07 -7.19
N ARG A 499 -10.13 -26.77 -6.43
CA ARG A 499 -9.87 -26.41 -5.04
C ARG A 499 -8.41 -26.34 -4.72
N ALA A 500 -8.09 -25.60 -3.67
CA ALA A 500 -6.73 -25.44 -3.22
C ALA A 500 -6.74 -25.25 -1.72
N LEU A 501 -5.65 -25.66 -1.09
CA LEU A 501 -5.46 -25.53 0.33
C LEU A 501 -4.15 -24.80 0.52
N VAL A 502 -4.20 -23.71 1.27
CA VAL A 502 -3.02 -22.92 1.56
C VAL A 502 -2.88 -23.17 3.07
N VAL A 503 -1.80 -23.79 3.51
CA VAL A 503 -1.61 -24.08 4.94
C VAL A 503 -0.29 -23.52 5.41
N VAL A 504 -0.32 -22.70 6.46
CA VAL A 504 0.91 -22.08 6.94
C VAL A 504 1.13 -22.19 8.45
N ASN A 505 2.32 -22.62 8.84
CA ASN A 505 2.65 -22.75 10.25
C ASN A 505 3.35 -21.47 10.69
N LEU A 506 2.59 -20.49 11.17
CA LEU A 506 3.20 -19.25 11.61
C LEU A 506 3.86 -19.27 12.97
N SER A 507 4.97 -19.98 13.06
CA SER A 507 5.71 -20.05 14.32
C SER A 507 7.05 -20.68 14.07
N ASP A 508 7.99 -20.36 14.95
CA ASP A 508 9.33 -20.88 14.86
C ASP A 508 9.51 -22.27 15.48
N ARG A 509 8.39 -22.95 15.75
CA ARG A 509 8.41 -24.28 16.33
C ARG A 509 7.47 -25.11 15.46
N PRO A 510 7.69 -26.43 15.38
CA PRO A 510 6.79 -27.23 14.53
C PRO A 510 5.36 -27.21 15.07
N SER A 511 4.41 -27.67 14.26
CA SER A 511 3.01 -27.72 14.66
C SER A 511 2.28 -28.81 13.93
N LEU A 512 1.36 -29.48 14.65
CA LEU A 512 0.58 -30.53 14.03
C LEU A 512 -0.66 -30.01 13.35
N TYR A 513 -0.70 -30.34 12.07
CA TYR A 513 -1.77 -30.02 11.22
C TYR A 513 -2.56 -31.29 11.36
N ARG A 514 -3.84 -31.13 11.64
CA ARG A 514 -4.78 -32.23 11.80
C ARG A 514 -6.13 -31.75 11.39
N TYR A 515 -6.60 -32.28 10.26
CA TYR A 515 -7.89 -31.91 9.72
C TYR A 515 -8.48 -33.06 8.90
N ASP A 516 -9.54 -33.66 9.43
CA ASP A 516 -10.24 -34.78 8.80
C ASP A 516 -11.36 -34.19 7.95
N GLY A 517 -11.01 -33.46 6.89
CA GLY A 517 -12.01 -32.87 6.01
C GLY A 517 -11.77 -33.29 4.58
N PHE A 518 -10.52 -33.67 4.34
CA PHE A 518 -9.97 -34.13 3.06
C PHE A 518 -8.61 -34.81 3.29
N ARG A 519 -8.24 -35.70 2.37
CA ARG A 519 -6.98 -36.42 2.46
C ARG A 519 -6.04 -35.73 1.48
N LEU A 520 -4.89 -35.28 1.99
CA LEU A 520 -3.91 -34.59 1.14
C LEU A 520 -2.91 -35.57 0.50
N GLN A 521 -2.68 -35.37 -0.81
CA GLN A 521 -1.76 -36.22 -1.57
C GLN A 521 -0.59 -35.36 -2.00
N SER A 522 0.63 -35.89 -1.86
CA SER A 522 1.88 -35.18 -2.24
C SER A 522 1.96 -34.79 -3.71
N SER A 523 1.17 -35.42 -4.57
CA SER A 523 1.17 -35.12 -6.02
C SER A 523 0.35 -33.86 -6.32
N ASP A 524 -0.42 -33.43 -5.31
CA ASP A 524 -1.26 -32.26 -5.41
C ASP A 524 -0.57 -31.05 -4.79
N LEU A 525 0.61 -31.26 -4.21
CA LEU A 525 1.31 -30.15 -3.59
C LEU A 525 1.88 -29.31 -4.75
N ALA A 526 1.29 -28.13 -4.96
CA ALA A 526 1.71 -27.23 -6.02
C ALA A 526 2.91 -26.35 -5.64
N LEU A 527 3.02 -26.00 -4.36
CA LEU A 527 4.12 -25.17 -3.88
C LEU A 527 4.32 -25.31 -2.38
N SER A 528 5.58 -25.31 -1.97
CA SER A 528 5.96 -25.42 -0.57
C SER A 528 7.30 -24.74 -0.35
N ASN A 529 7.59 -24.32 0.88
CA ASN A 529 8.89 -23.66 1.17
C ASN A 529 9.92 -24.63 1.74
N TYR A 530 9.46 -25.87 1.87
CA TYR A 530 10.21 -27.04 2.34
C TYR A 530 9.99 -28.13 1.32
N PRO A 531 11.00 -29.01 1.17
CA PRO A 531 10.94 -30.12 0.23
C PRO A 531 9.67 -30.96 0.38
N VAL A 532 9.14 -31.38 -0.77
CA VAL A 532 7.94 -32.20 -0.88
C VAL A 532 8.24 -33.64 -0.37
N ARG A 533 7.85 -33.92 0.89
CA ARG A 533 8.02 -35.21 1.60
C ARG A 533 6.93 -36.21 1.17
N PRO A 534 7.24 -37.52 1.09
CA PRO A 534 6.19 -38.47 0.67
C PRO A 534 5.06 -38.66 1.68
N HIS A 535 3.81 -38.58 1.20
CA HIS A 535 2.62 -38.76 2.04
C HIS A 535 1.34 -38.99 1.22
N LYS A 536 0.59 -40.02 1.61
CA LYS A 536 -0.68 -40.41 0.98
C LYS A 536 -1.79 -40.41 2.03
N ASN A 537 -2.98 -39.93 1.64
CA ASN A 537 -4.12 -39.89 2.56
C ASN A 537 -3.83 -39.22 3.92
N ALA A 538 -3.04 -38.16 3.87
CA ALA A 538 -2.66 -37.43 5.07
C ALA A 538 -3.75 -36.47 5.58
N THR A 539 -4.17 -36.71 6.81
CA THR A 539 -5.18 -35.92 7.50
C THR A 539 -4.45 -35.21 8.64
N ARG A 540 -3.19 -35.61 8.82
CA ARG A 540 -2.32 -35.05 9.84
C ARG A 540 -0.86 -35.17 9.42
N PHE A 541 -0.05 -34.24 9.93
CA PHE A 541 1.39 -34.14 9.68
C PHE A 541 1.99 -33.00 10.46
N LYS A 542 3.26 -33.16 10.79
CA LYS A 542 3.95 -32.15 11.53
C LYS A 542 4.51 -31.15 10.51
N LEU A 543 4.33 -29.86 10.80
CA LEU A 543 4.82 -28.80 9.94
C LEU A 543 6.02 -28.21 10.59
N LYS A 544 7.05 -28.02 9.79
CA LYS A 544 8.29 -27.46 10.26
C LYS A 544 8.12 -25.96 10.54
N PRO A 545 9.10 -25.35 11.21
CA PRO A 545 8.94 -23.92 11.48
C PRO A 545 8.69 -23.11 10.19
N TYR A 546 7.58 -22.38 10.19
CA TYR A 546 7.20 -21.56 9.05
C TYR A 546 6.94 -22.30 7.77
N GLU A 547 6.61 -23.58 7.89
CA GLU A 547 6.33 -24.34 6.70
C GLU A 547 5.02 -23.89 6.10
N ALA A 548 5.02 -23.73 4.79
CA ALA A 548 3.85 -23.30 4.06
C ALA A 548 3.69 -24.21 2.86
N ARG A 549 2.47 -24.66 2.61
CA ARG A 549 2.17 -25.56 1.51
C ARG A 549 0.92 -25.08 0.82
N VAL A 550 0.90 -25.29 -0.49
CA VAL A 550 -0.20 -24.92 -1.33
C VAL A 550 -0.53 -26.16 -2.16
N TYR A 551 -1.68 -26.77 -1.88
CA TYR A 551 -2.15 -27.95 -2.59
C TYR A 551 -3.25 -27.51 -3.50
N ILE A 552 -3.27 -28.07 -4.71
CA ILE A 552 -4.27 -27.78 -5.71
C ILE A 552 -4.75 -29.13 -6.22
N TRP A 553 -6.06 -29.28 -6.40
CA TRP A 553 -6.60 -30.54 -6.90
C TRP A 553 -7.91 -30.20 -7.58
N LYS A 554 -8.58 -31.22 -8.11
CA LYS A 554 -9.85 -31.02 -8.78
C LYS A 554 -10.79 -32.16 -8.37
N GLU A 555 -11.89 -31.81 -7.71
CA GLU A 555 -12.86 -32.80 -7.26
C GLU A 555 -13.93 -33.11 -8.29
#